data_1SZC
#
_entry.id   1SZC
#
_cell.length_a   105.267
_cell.length_b   105.267
_cell.length_c   66.609
_cell.angle_alpha   90.00
_cell.angle_beta   90.00
_cell.angle_gamma   120.00
#
_symmetry.space_group_name_H-M   'P 32 2 1'
#
loop_
_entity.id
_entity.type
_entity.pdbx_description
1 polymer 'NAD-dependent deacetylase HST2'
2 polymer 'Histone H4 peptide'
3 non-polymer 'ZINC ION'
4 non-polymer 'CHLORIDE ION'
5 non-polymer CARBA-NICOTINAMIDE-ADENINE-DINUCLEOTIDE
6 non-polymer GLYCEROL
7 water water
#
loop_
_entity_poly.entity_id
_entity_poly.type
_entity_poly.pdbx_seq_one_letter_code
_entity_poly.pdbx_strand_id
1 'polypeptide(L)'
;MASMSVSTASTEMSVRKIAAHMKSNPNAKVIFMVGAGISTSCGIPDFRSPGTGLYHNLARLKLPYPEAVFDVDFFQSDPL
PFYTLAKELYPGNFRPSKFHYLLKLFQDKDVLKRVYTQNIDTLERQAGVKDDLIIEAHGSFAHCHCIGCGKVYPPQVFKS
KLAEHPIKDFVKCDVCGELVKPAIVFFGEDLPDSFSETWLNDSEWLREKITTSGKHPQQPLVIVVGTSLAVYPFASLPEE
IPRKVKRVLCNLETVGDFKANKRPTDLIVHQYSDEFAEQLVEELGWQEDFEKILTAQ
;
A
2 'polypeptide(L)' KGGA(ALY)RHRKI B
#
# COMPACT_ATOMS: atom_id res chain seq x y z
N MET A 1 -4.38 -15.80 -9.88
CA MET A 1 -3.17 -16.05 -9.05
C MET A 1 -1.96 -16.38 -9.94
N ALA A 2 -2.23 -16.92 -11.12
CA ALA A 2 -1.14 -17.28 -12.05
C ALA A 2 -0.47 -16.05 -12.63
N SER A 3 0.87 -16.08 -12.73
CA SER A 3 1.59 -14.94 -13.28
C SER A 3 2.61 -15.38 -14.33
N MET A 4 3.14 -14.40 -15.06
CA MET A 4 4.16 -14.66 -16.07
C MET A 4 5.10 -13.46 -16.04
N SER A 5 6.28 -13.60 -16.65
CA SER A 5 7.25 -12.51 -16.66
C SER A 5 6.80 -11.35 -17.54
N VAL A 6 7.24 -10.14 -17.20
CA VAL A 6 6.85 -8.97 -17.97
C VAL A 6 7.46 -8.95 -19.38
N SER A 7 8.65 -9.53 -19.52
CA SER A 7 9.31 -9.57 -20.82
C SER A 7 10.09 -10.87 -21.01
N THR A 8 10.77 -10.99 -22.14
CA THR A 8 11.54 -12.20 -22.42
C THR A 8 12.74 -12.30 -21.49
N ALA A 9 13.20 -11.16 -20.99
CA ALA A 9 14.35 -11.13 -20.09
C ALA A 9 14.00 -11.78 -18.76
N SER A 10 14.95 -12.51 -18.19
CA SER A 10 14.72 -13.17 -16.92
C SER A 10 15.18 -12.27 -15.78
N THR A 11 14.43 -12.27 -14.68
CA THR A 11 14.76 -11.46 -13.50
C THR A 11 15.25 -12.37 -12.38
N GLU A 12 15.26 -13.67 -12.66
CA GLU A 12 15.67 -14.67 -11.67
C GLU A 12 17.05 -14.41 -11.08
N MET A 13 17.99 -13.95 -11.90
CA MET A 13 19.34 -13.67 -11.42
C MET A 13 19.33 -12.48 -10.47
N SER A 14 18.65 -11.41 -10.86
CA SER A 14 18.56 -10.23 -10.00
C SER A 14 17.85 -10.61 -8.71
N VAL A 15 16.79 -11.40 -8.83
CA VAL A 15 16.05 -11.83 -7.65
C VAL A 15 16.95 -12.69 -6.77
N ARG A 16 17.78 -13.50 -7.42
CA ARG A 16 18.70 -14.37 -6.69
C ARG A 16 19.61 -13.60 -5.75
N LYS A 17 20.09 -12.44 -6.20
CA LYS A 17 20.95 -11.61 -5.36
C LYS A 17 20.23 -11.31 -4.04
N ILE A 18 18.94 -11.01 -4.13
CA ILE A 18 18.13 -10.71 -2.96
C ILE A 18 18.13 -11.89 -2.00
N ALA A 19 17.90 -13.09 -2.55
CA ALA A 19 17.87 -14.30 -1.74
C ALA A 19 19.25 -14.53 -1.12
N ALA A 20 20.29 -14.17 -1.86
CA ALA A 20 21.66 -14.35 -1.41
C ALA A 20 21.95 -13.43 -0.24
N HIS A 21 21.42 -12.20 -0.30
CA HIS A 21 21.62 -11.23 0.76
C HIS A 21 20.98 -11.75 2.05
N MET A 22 19.79 -12.31 1.92
CA MET A 22 19.07 -12.84 3.07
C MET A 22 19.74 -14.10 3.64
N LYS A 23 20.28 -14.93 2.75
CA LYS A 23 20.95 -16.15 3.18
C LYS A 23 22.22 -15.83 3.97
N SER A 24 22.90 -14.75 3.59
CA SER A 24 24.11 -14.33 4.27
C SER A 24 23.78 -13.62 5.59
N ASN A 25 22.60 -13.00 5.62
CA ASN A 25 22.14 -12.29 6.81
C ASN A 25 20.86 -12.94 7.33
N PRO A 26 20.96 -14.19 7.81
CA PRO A 26 19.82 -14.95 8.35
C PRO A 26 19.02 -14.32 9.47
N ASN A 27 19.65 -13.42 10.23
CA ASN A 27 18.96 -12.76 11.35
C ASN A 27 18.52 -11.34 11.02
N ALA A 28 18.55 -11.00 9.73
CA ALA A 28 18.15 -9.67 9.28
C ALA A 28 16.66 -9.67 8.93
N LYS A 29 16.08 -8.47 8.92
CA LYS A 29 14.67 -8.32 8.58
C LYS A 29 14.52 -7.39 7.39
N VAL A 30 13.36 -7.41 6.77
CA VAL A 30 13.11 -6.57 5.61
C VAL A 30 11.99 -5.59 5.84
N ILE A 31 12.11 -4.41 5.26
CA ILE A 31 11.06 -3.40 5.34
C ILE A 31 10.54 -3.21 3.92
N PHE A 32 9.22 -3.34 3.74
CA PHE A 32 8.62 -3.17 2.44
C PHE A 32 7.91 -1.82 2.37
N MET A 33 7.95 -1.21 1.19
CA MET A 33 7.25 0.05 0.94
C MET A 33 6.49 -0.29 -0.34
N VAL A 34 5.16 -0.33 -0.25
CA VAL A 34 4.35 -0.74 -1.40
C VAL A 34 3.25 0.23 -1.84
N GLY A 35 2.83 0.07 -3.09
CA GLY A 35 1.79 0.91 -3.66
C GLY A 35 0.76 0.09 -4.44
N ALA A 36 -0.07 0.81 -5.22
CA ALA A 36 -1.16 0.20 -5.99
C ALA A 36 -0.77 -0.98 -6.89
N GLY A 37 0.49 -0.98 -7.34
CA GLY A 37 0.94 -2.07 -8.19
C GLY A 37 0.75 -3.45 -7.61
N ILE A 38 0.92 -3.62 -6.29
CA ILE A 38 0.78 -4.95 -5.71
C ILE A 38 -0.65 -5.46 -5.59
N SER A 39 -1.62 -4.62 -5.91
CA SER A 39 -3.01 -5.05 -5.82
C SER A 39 -3.70 -5.11 -7.19
N THR A 40 -2.97 -4.76 -8.25
CA THR A 40 -3.54 -4.79 -9.58
C THR A 40 -4.05 -6.18 -9.94
N SER A 41 -3.29 -7.21 -9.61
CA SER A 41 -3.71 -8.57 -9.92
C SER A 41 -4.97 -9.00 -9.16
N CYS A 42 -5.35 -8.24 -8.14
CA CYS A 42 -6.54 -8.55 -7.35
C CYS A 42 -7.82 -8.12 -8.05
N GLY A 43 -7.67 -7.38 -9.14
CA GLY A 43 -8.82 -6.92 -9.88
C GLY A 43 -9.41 -5.64 -9.35
N ILE A 44 -8.68 -4.94 -8.49
CA ILE A 44 -9.17 -3.67 -7.96
C ILE A 44 -9.19 -2.68 -9.12
N PRO A 45 -10.38 -2.13 -9.42
CA PRO A 45 -10.50 -1.15 -10.51
C PRO A 45 -9.85 0.18 -10.16
N ASP A 46 -9.07 0.71 -11.08
CA ASP A 46 -8.39 1.99 -10.88
C ASP A 46 -9.37 3.12 -11.21
N PHE A 47 -9.72 3.92 -10.20
CA PHE A 47 -10.66 5.01 -10.40
C PHE A 47 -10.19 6.06 -11.42
N ARG A 48 -8.90 6.04 -11.75
CA ARG A 48 -8.34 6.99 -12.70
C ARG A 48 -8.33 6.43 -14.12
N SER A 49 -8.73 5.19 -14.27
CA SER A 49 -8.71 4.56 -15.58
C SER A 49 -10.02 4.42 -16.34
N PRO A 50 -10.10 5.01 -17.54
CA PRO A 50 -11.35 4.87 -18.31
C PRO A 50 -11.51 3.38 -18.57
N GLY A 51 -12.65 2.94 -19.04
CA GLY A 51 -12.78 1.50 -19.28
C GLY A 51 -13.02 0.74 -17.99
N THR A 52 -13.04 1.45 -16.88
CA THR A 52 -13.31 0.83 -15.59
C THR A 52 -14.74 1.31 -15.28
N GLY A 53 -15.60 0.43 -14.76
CA GLY A 53 -16.96 0.84 -14.45
C GLY A 53 -16.99 1.99 -13.47
N LEU A 54 -16.09 1.95 -12.50
CA LEU A 54 -15.98 3.00 -11.49
C LEU A 54 -15.71 4.37 -12.09
N TYR A 55 -14.71 4.46 -12.97
CA TYR A 55 -14.37 5.73 -13.60
C TYR A 55 -15.58 6.33 -14.27
N HIS A 56 -16.28 5.54 -15.07
CA HIS A 56 -17.43 6.07 -15.77
C HIS A 56 -18.61 6.43 -14.86
N ASN A 57 -18.77 5.72 -13.76
CA ASN A 57 -19.85 6.05 -12.83
C ASN A 57 -19.52 7.39 -12.18
N LEU A 58 -18.26 7.60 -11.84
CA LEU A 58 -17.83 8.85 -11.22
C LEU A 58 -17.99 9.99 -12.21
N ALA A 59 -17.69 9.74 -13.48
CA ALA A 59 -17.82 10.76 -14.50
C ALA A 59 -19.29 11.13 -14.67
N ARG A 60 -20.15 10.13 -14.69
CA ARG A 60 -21.60 10.36 -14.85
C ARG A 60 -22.12 11.22 -13.69
N LEU A 61 -21.52 11.05 -12.52
CA LEU A 61 -21.92 11.80 -11.33
C LEU A 61 -21.37 13.22 -11.28
N LYS A 62 -20.71 13.63 -12.35
CA LYS A 62 -20.14 14.97 -12.47
C LYS A 62 -18.85 15.23 -11.69
N LEU A 63 -18.14 14.16 -11.29
CA LEU A 63 -16.88 14.37 -10.60
C LEU A 63 -16.02 15.09 -11.65
N PRO A 64 -15.42 16.24 -11.29
CA PRO A 64 -14.59 17.02 -12.22
C PRO A 64 -13.33 16.31 -12.70
N TYR A 65 -12.70 15.54 -11.82
CA TYR A 65 -11.49 14.79 -12.13
C TYR A 65 -11.37 13.69 -11.07
N PRO A 66 -10.73 12.57 -11.41
CA PRO A 66 -10.56 11.44 -10.49
C PRO A 66 -10.23 11.73 -9.03
N GLU A 67 -9.13 12.44 -8.78
CA GLU A 67 -8.73 12.69 -7.40
C GLU A 67 -9.62 13.63 -6.59
N ALA A 68 -10.66 14.18 -7.21
CA ALA A 68 -11.58 15.05 -6.49
C ALA A 68 -12.39 14.15 -5.56
N VAL A 69 -12.35 12.84 -5.82
CA VAL A 69 -13.10 11.90 -5.00
C VAL A 69 -12.44 11.78 -3.63
N PHE A 70 -11.18 12.21 -3.55
CA PHE A 70 -10.40 12.20 -2.32
C PHE A 70 -10.03 13.62 -1.94
N ASP A 71 -10.97 14.54 -2.12
CA ASP A 71 -10.76 15.95 -1.78
C ASP A 71 -11.85 16.33 -0.77
N VAL A 72 -11.43 16.81 0.39
CA VAL A 72 -12.40 17.16 1.44
C VAL A 72 -13.44 18.21 1.01
N ASP A 73 -12.98 19.27 0.36
CA ASP A 73 -13.89 20.32 -0.09
C ASP A 73 -14.94 19.77 -1.05
N PHE A 74 -14.51 18.94 -1.99
CA PHE A 74 -15.49 18.39 -2.92
C PHE A 74 -16.44 17.45 -2.20
N PHE A 75 -15.90 16.61 -1.33
CA PHE A 75 -16.70 15.66 -0.58
C PHE A 75 -17.84 16.38 0.16
N GLN A 76 -17.50 17.46 0.87
CA GLN A 76 -18.50 18.22 1.61
C GLN A 76 -19.55 18.82 0.69
N SER A 77 -19.16 19.21 -0.52
CA SER A 77 -20.10 19.79 -1.47
C SER A 77 -20.99 18.72 -2.11
N ASP A 78 -20.44 17.51 -2.27
CA ASP A 78 -21.19 16.40 -2.87
C ASP A 78 -20.51 15.07 -2.52
N PRO A 79 -21.05 14.37 -1.52
CA PRO A 79 -20.47 13.09 -1.09
C PRO A 79 -20.79 11.85 -1.91
N LEU A 80 -21.73 11.95 -2.86
CA LEU A 80 -22.12 10.78 -3.63
C LEU A 80 -20.98 10.11 -4.39
N PRO A 81 -20.12 10.88 -5.06
CA PRO A 81 -19.01 10.23 -5.77
C PRO A 81 -18.18 9.35 -4.86
N PHE A 82 -17.80 9.87 -3.69
CA PHE A 82 -17.01 9.07 -2.74
C PHE A 82 -17.76 7.85 -2.23
N TYR A 83 -19.05 8.01 -1.95
CA TYR A 83 -19.84 6.87 -1.47
C TYR A 83 -19.88 5.81 -2.56
N THR A 84 -19.99 6.25 -3.81
CA THR A 84 -20.03 5.34 -4.95
C THR A 84 -18.71 4.56 -5.06
N LEU A 85 -17.59 5.25 -4.87
CA LEU A 85 -16.29 4.61 -4.92
C LEU A 85 -16.15 3.65 -3.74
N ALA A 86 -16.64 4.07 -2.58
CA ALA A 86 -16.56 3.22 -1.39
C ALA A 86 -17.31 1.92 -1.59
N LYS A 87 -18.49 1.99 -2.22
CA LYS A 87 -19.29 0.80 -2.46
C LYS A 87 -18.50 -0.22 -3.26
N GLU A 88 -17.80 0.27 -4.28
CA GLU A 88 -17.03 -0.65 -5.12
C GLU A 88 -15.70 -1.10 -4.53
N LEU A 89 -15.03 -0.22 -3.79
CA LEU A 89 -13.72 -0.58 -3.22
C LEU A 89 -13.71 -1.04 -1.79
N TYR A 90 -14.88 -1.15 -1.16
CA TYR A 90 -14.90 -1.54 0.24
C TYR A 90 -14.15 -2.83 0.52
N PRO A 91 -13.29 -2.83 1.54
CA PRO A 91 -12.52 -4.04 1.90
C PRO A 91 -13.47 -5.22 2.05
N GLY A 92 -13.01 -6.39 1.59
CA GLY A 92 -13.84 -7.57 1.67
C GLY A 92 -14.39 -7.92 0.30
N ASN A 93 -14.27 -6.99 -0.64
CA ASN A 93 -14.77 -7.24 -1.99
C ASN A 93 -13.71 -7.89 -2.88
N PHE A 94 -12.48 -7.97 -2.38
CA PHE A 94 -11.39 -8.56 -3.13
C PHE A 94 -10.60 -9.54 -2.28
N ARG A 95 -9.68 -10.26 -2.92
CA ARG A 95 -8.85 -11.22 -2.23
C ARG A 95 -7.37 -10.90 -2.44
N PRO A 96 -6.54 -11.16 -1.42
CA PRO A 96 -5.10 -10.87 -1.50
C PRO A 96 -4.36 -11.55 -2.66
N SER A 97 -3.33 -10.89 -3.15
CA SER A 97 -2.53 -11.43 -4.24
C SER A 97 -1.43 -12.32 -3.68
N LYS A 98 -0.72 -12.98 -4.59
CA LYS A 98 0.38 -13.85 -4.23
C LYS A 98 1.42 -12.99 -3.49
N PHE A 99 1.61 -11.75 -3.92
CA PHE A 99 2.57 -10.88 -3.24
C PHE A 99 2.12 -10.57 -1.81
N HIS A 100 0.82 -10.34 -1.61
CA HIS A 100 0.34 -10.06 -0.26
C HIS A 100 0.67 -11.24 0.63
N TYR A 101 0.53 -12.45 0.09
CA TYR A 101 0.83 -13.64 0.88
C TYR A 101 2.32 -13.79 1.14
N LEU A 102 3.14 -13.21 0.28
CA LEU A 102 4.59 -13.27 0.45
C LEU A 102 4.91 -12.53 1.75
N LEU A 103 4.18 -11.43 2.00
CA LEU A 103 4.39 -10.65 3.20
C LEU A 103 4.09 -11.52 4.41
N LYS A 104 3.01 -12.29 4.32
CA LYS A 104 2.61 -13.18 5.40
C LYS A 104 3.70 -14.23 5.64
N LEU A 105 4.26 -14.75 4.56
CA LEU A 105 5.32 -15.75 4.65
C LEU A 105 6.53 -15.17 5.38
N PHE A 106 6.94 -13.97 4.99
CA PHE A 106 8.07 -13.31 5.63
C PHE A 106 7.79 -13.12 7.11
N GLN A 107 6.53 -12.83 7.44
CA GLN A 107 6.13 -12.65 8.82
C GLN A 107 6.31 -13.98 9.55
N ASP A 108 5.85 -15.07 8.93
CA ASP A 108 5.97 -16.40 9.53
C ASP A 108 7.44 -16.75 9.74
N LYS A 109 8.29 -16.37 8.78
CA LYS A 109 9.72 -16.64 8.88
C LYS A 109 10.42 -15.60 9.74
N ASP A 110 9.62 -14.75 10.37
CA ASP A 110 10.12 -13.70 11.25
C ASP A 110 11.19 -12.82 10.60
N VAL A 111 11.04 -12.54 9.31
CA VAL A 111 11.99 -11.68 8.61
C VAL A 111 11.33 -10.40 8.11
N LEU A 112 10.14 -10.11 8.64
CA LEU A 112 9.41 -8.91 8.27
C LEU A 112 9.50 -7.87 9.39
N LYS A 113 10.14 -6.74 9.10
CA LYS A 113 10.28 -5.66 10.07
C LYS A 113 9.07 -4.74 10.02
N ARG A 114 8.61 -4.44 8.81
CA ARG A 114 7.48 -3.55 8.64
C ARG A 114 7.08 -3.48 7.17
N VAL A 115 5.83 -3.15 6.91
CA VAL A 115 5.34 -2.94 5.56
C VAL A 115 4.59 -1.62 5.56
N TYR A 116 5.12 -0.65 4.83
CA TYR A 116 4.50 0.66 4.71
C TYR A 116 3.70 0.59 3.42
N THR A 117 2.40 0.84 3.48
CA THR A 117 1.56 0.76 2.29
C THR A 117 0.76 2.04 2.02
N GLN A 118 0.67 2.39 0.74
CA GLN A 118 -0.09 3.57 0.31
C GLN A 118 -1.51 3.14 -0.04
N ASN A 119 -1.73 1.84 -0.14
CA ASN A 119 -3.05 1.31 -0.52
C ASN A 119 -4.09 1.40 0.57
N ILE A 120 -5.35 1.55 0.17
CA ILE A 120 -6.45 1.63 1.12
C ILE A 120 -7.31 0.37 1.03
N ASP A 121 -6.79 -0.65 0.34
CA ASP A 121 -7.55 -1.89 0.20
C ASP A 121 -7.41 -2.81 1.41
N THR A 122 -6.42 -2.54 2.27
CA THR A 122 -6.11 -3.32 3.47
C THR A 122 -5.92 -4.82 3.22
N LEU A 123 -5.42 -5.15 2.03
CA LEU A 123 -5.18 -6.54 1.67
C LEU A 123 -4.00 -7.15 2.43
N GLU A 124 -3.09 -6.31 2.95
CA GLU A 124 -1.96 -6.83 3.72
C GLU A 124 -2.55 -7.44 4.99
N ARG A 125 -3.40 -6.66 5.64
CA ARG A 125 -4.05 -7.10 6.87
C ARG A 125 -5.00 -8.28 6.60
N GLN A 126 -5.74 -8.20 5.50
CA GLN A 126 -6.67 -9.28 5.17
C GLN A 126 -5.91 -10.59 4.96
N ALA A 127 -4.67 -10.48 4.46
CA ALA A 127 -3.84 -11.64 4.19
C ALA A 127 -3.20 -12.23 5.45
N GLY A 128 -3.40 -11.56 6.58
CA GLY A 128 -2.85 -12.08 7.83
C GLY A 128 -1.65 -11.36 8.42
N VAL A 129 -1.19 -10.29 7.77
CA VAL A 129 -0.05 -9.56 8.33
C VAL A 129 -0.53 -8.91 9.62
N LYS A 130 0.26 -9.05 10.68
CA LYS A 130 -0.11 -8.49 11.98
C LYS A 130 -0.16 -6.97 12.02
N ASP A 131 -1.11 -6.46 12.80
CA ASP A 131 -1.31 -5.02 12.95
C ASP A 131 -0.05 -4.26 13.33
N ASP A 132 0.79 -4.86 14.18
CA ASP A 132 2.01 -4.21 14.61
C ASP A 132 3.02 -4.00 13.48
N LEU A 133 2.93 -4.81 12.43
CA LEU A 133 3.88 -4.69 11.32
C LEU A 133 3.40 -3.89 10.11
N ILE A 134 2.17 -3.39 10.19
CA ILE A 134 1.57 -2.63 9.09
C ILE A 134 1.44 -1.14 9.36
N ILE A 135 1.80 -0.35 8.37
CA ILE A 135 1.63 1.09 8.44
C ILE A 135 0.80 1.47 7.22
N GLU A 136 -0.47 1.74 7.44
CA GLU A 136 -1.37 2.13 6.36
C GLU A 136 -1.28 3.65 6.29
N ALA A 137 -0.28 4.10 5.52
CA ALA A 137 0.02 5.51 5.36
C ALA A 137 -1.15 6.39 4.92
N HIS A 138 -2.05 5.81 4.14
CA HIS A 138 -3.20 6.58 3.68
C HIS A 138 -4.52 6.19 4.31
N GLY A 139 -4.44 5.60 5.50
CA GLY A 139 -5.64 5.22 6.23
C GLY A 139 -6.34 3.98 5.70
N SER A 140 -7.58 3.80 6.13
CA SER A 140 -8.37 2.64 5.71
C SER A 140 -9.83 2.87 6.07
N PHE A 141 -10.67 1.89 5.75
CA PHE A 141 -12.09 1.97 6.07
C PHE A 141 -12.39 1.37 7.44
N ALA A 142 -11.35 0.95 8.16
CA ALA A 142 -11.53 0.32 9.46
C ALA A 142 -12.12 1.25 10.53
N HIS A 143 -11.98 2.56 10.33
CA HIS A 143 -12.50 3.54 11.28
C HIS A 143 -13.19 4.68 10.54
N CYS A 144 -14.13 5.34 11.21
CA CYS A 144 -14.84 6.48 10.65
C CYS A 144 -14.77 7.64 11.63
N HIS A 145 -14.75 8.87 11.10
CA HIS A 145 -14.69 10.04 11.96
C HIS A 145 -15.41 11.23 11.35
N CYS A 146 -15.92 12.12 12.21
CA CYS A 146 -16.61 13.31 11.73
C CYS A 146 -15.53 14.29 11.26
N ILE A 147 -15.69 14.80 10.05
CA ILE A 147 -14.69 15.73 9.50
C ILE A 147 -14.77 17.10 10.17
N GLY A 148 -15.80 17.28 10.99
CA GLY A 148 -15.97 18.55 11.69
C GLY A 148 -15.45 18.58 13.11
N CYS A 149 -15.94 17.67 13.96
CA CYS A 149 -15.51 17.64 15.36
C CYS A 149 -14.60 16.47 15.69
N GLY A 150 -14.53 15.49 14.80
CA GLY A 150 -13.68 14.35 15.03
C GLY A 150 -14.29 13.22 15.85
N LYS A 151 -15.57 13.29 16.17
CA LYS A 151 -16.18 12.21 16.95
C LYS A 151 -15.97 10.90 16.21
N VAL A 152 -15.68 9.86 16.98
CA VAL A 152 -15.43 8.51 16.44
C VAL A 152 -16.70 7.75 16.13
N TYR A 153 -16.72 7.05 15.00
CA TYR A 153 -17.87 6.26 14.63
C TYR A 153 -17.44 4.87 14.19
N PRO A 154 -18.22 3.85 14.51
CA PRO A 154 -17.85 2.49 14.09
C PRO A 154 -18.01 2.53 12.57
N PRO A 155 -17.20 1.74 11.84
CA PRO A 155 -17.30 1.72 10.38
C PRO A 155 -18.61 1.17 9.82
N GLN A 156 -19.32 0.39 10.61
CA GLN A 156 -20.58 -0.20 10.16
C GLN A 156 -21.68 0.76 9.74
N VAL A 157 -21.77 1.92 10.39
CA VAL A 157 -22.79 2.90 10.04
C VAL A 157 -22.61 3.35 8.60
N PHE A 158 -21.37 3.73 8.25
CA PHE A 158 -21.06 4.18 6.90
C PHE A 158 -21.31 3.04 5.92
N LYS A 159 -20.78 1.86 6.23
CA LYS A 159 -20.95 0.71 5.35
C LYS A 159 -22.40 0.38 5.04
N SER A 160 -23.27 0.45 6.05
CA SER A 160 -24.68 0.14 5.84
C SER A 160 -25.33 1.02 4.79
N LYS A 161 -24.88 2.27 4.71
CA LYS A 161 -25.43 3.21 3.73
C LYS A 161 -25.08 2.83 2.29
N LEU A 162 -23.99 2.10 2.12
CA LEU A 162 -23.55 1.70 0.79
C LEU A 162 -24.43 0.65 0.13
N ALA A 163 -25.24 -0.05 0.92
CA ALA A 163 -26.11 -1.10 0.38
C ALA A 163 -27.49 -0.60 -0.01
N GLU A 164 -27.74 0.70 0.16
CA GLU A 164 -29.05 1.27 -0.16
C GLU A 164 -29.16 1.69 -1.63
N HIS A 165 -30.37 1.59 -2.18
CA HIS A 165 -30.62 1.95 -3.57
C HIS A 165 -31.78 2.94 -3.71
N PRO A 166 -31.48 4.20 -4.06
CA PRO A 166 -30.13 4.69 -4.32
C PRO A 166 -29.43 5.11 -3.03
N ILE A 167 -28.16 5.50 -3.13
CA ILE A 167 -27.42 5.95 -1.96
C ILE A 167 -27.81 7.40 -1.69
N LYS A 168 -28.40 7.66 -0.52
CA LYS A 168 -28.83 9.02 -0.18
C LYS A 168 -28.79 9.23 1.35
N ASP A 169 -29.06 10.46 1.78
CA ASP A 169 -29.06 10.80 3.19
C ASP A 169 -27.79 10.24 3.84
N PHE A 170 -26.66 10.84 3.48
CA PHE A 170 -25.34 10.44 3.96
C PHE A 170 -25.16 10.61 5.46
N VAL A 171 -24.26 9.83 6.05
CA VAL A 171 -24.01 9.86 7.48
C VAL A 171 -23.53 11.21 7.98
N LYS A 172 -24.25 11.75 8.95
CA LYS A 172 -23.92 13.04 9.53
C LYS A 172 -23.69 12.85 11.03
N CYS A 173 -22.74 13.62 11.56
CA CYS A 173 -22.38 13.57 12.96
C CYS A 173 -23.54 13.97 13.87
N ASP A 174 -23.80 13.18 14.92
CA ASP A 174 -24.90 13.51 15.82
C ASP A 174 -24.52 14.53 16.89
N VAL A 175 -23.33 15.12 16.73
CA VAL A 175 -22.86 16.16 17.64
C VAL A 175 -22.83 17.52 16.94
N CYS A 176 -22.10 17.60 15.82
CA CYS A 176 -21.97 18.87 15.09
C CYS A 176 -22.67 18.91 13.72
N GLY A 177 -23.17 17.77 13.26
CA GLY A 177 -23.88 17.73 11.99
C GLY A 177 -23.08 17.66 10.70
N GLU A 178 -21.75 17.66 10.80
CA GLU A 178 -20.93 17.57 9.58
C GLU A 178 -20.88 16.13 9.08
N LEU A 179 -20.34 15.96 7.87
CA LEU A 179 -20.24 14.62 7.29
C LEU A 179 -19.24 13.72 7.99
N VAL A 180 -19.61 12.45 8.08
CA VAL A 180 -18.75 11.42 8.67
C VAL A 180 -18.14 10.64 7.51
N LYS A 181 -16.83 10.40 7.55
CA LYS A 181 -16.21 9.66 6.47
C LYS A 181 -15.18 8.67 7.01
N PRO A 182 -14.86 7.64 6.21
CA PRO A 182 -13.89 6.61 6.59
C PRO A 182 -12.55 7.27 6.85
N ALA A 183 -11.75 6.68 7.74
CA ALA A 183 -10.45 7.23 8.08
C ALA A 183 -9.41 7.09 6.97
N ILE A 184 -9.82 7.48 5.77
CA ILE A 184 -8.94 7.46 4.60
C ILE A 184 -8.34 8.85 4.49
N VAL A 185 -7.03 8.92 4.27
CA VAL A 185 -6.38 10.21 4.13
C VAL A 185 -6.70 10.78 2.76
N PHE A 186 -7.34 11.95 2.73
CA PHE A 186 -7.69 12.60 1.47
C PHE A 186 -6.54 13.51 1.07
N PHE A 187 -6.44 13.84 -0.21
CA PHE A 187 -5.38 14.74 -0.66
C PHE A 187 -5.57 16.04 0.10
N GLY A 188 -4.46 16.59 0.60
CA GLY A 188 -4.55 17.83 1.36
C GLY A 188 -4.60 17.60 2.86
N GLU A 189 -4.81 16.36 3.29
CA GLU A 189 -4.85 16.04 4.71
C GLU A 189 -3.53 15.41 5.16
N ASP A 190 -3.21 15.55 6.44
CA ASP A 190 -1.98 14.98 6.96
C ASP A 190 -2.17 13.47 7.16
N LEU A 191 -1.09 12.72 7.07
CA LEU A 191 -1.14 11.28 7.28
C LEU A 191 -1.25 11.03 8.78
N PRO A 192 -1.68 9.83 9.17
CA PRO A 192 -1.78 9.55 10.60
C PRO A 192 -0.43 9.67 11.30
N ASP A 193 -0.43 10.08 12.56
CA ASP A 193 0.80 10.26 13.33
C ASP A 193 1.69 9.02 13.34
N SER A 194 1.06 7.84 13.31
CA SER A 194 1.82 6.60 13.34
C SER A 194 2.79 6.46 12.16
N PHE A 195 2.49 7.12 11.05
CA PHE A 195 3.37 7.05 9.87
C PHE A 195 4.76 7.61 10.18
N SER A 196 4.81 8.90 10.49
CA SER A 196 6.10 9.53 10.80
C SER A 196 6.76 8.94 12.05
N GLU A 197 5.96 8.67 13.08
CA GLU A 197 6.49 8.11 14.31
C GLU A 197 7.19 6.79 14.08
N THR A 198 6.54 5.91 13.32
CA THR A 198 7.09 4.59 13.03
C THR A 198 8.31 4.66 12.10
N TRP A 199 8.28 5.59 11.13
CA TRP A 199 9.40 5.73 10.21
C TRP A 199 10.60 6.27 11.02
N LEU A 200 10.31 7.14 11.98
CA LEU A 200 11.36 7.69 12.83
C LEU A 200 12.09 6.53 13.50
N ASN A 201 11.31 5.63 14.10
CA ASN A 201 11.88 4.48 14.79
C ASN A 201 12.55 3.49 13.85
N ASP A 202 11.95 3.23 12.68
CA ASP A 202 12.54 2.29 11.75
C ASP A 202 13.79 2.89 11.10
N SER A 203 13.85 4.22 11.02
CA SER A 203 15.03 4.88 10.46
C SER A 203 16.22 4.66 11.39
N GLU A 204 15.99 4.83 12.70
CA GLU A 204 17.05 4.62 13.66
C GLU A 204 17.43 3.14 13.63
N TRP A 205 16.42 2.29 13.50
CA TRP A 205 16.62 0.84 13.44
C TRP A 205 17.55 0.48 12.27
N LEU A 206 17.29 1.08 11.12
CA LEU A 206 18.08 0.84 9.93
C LEU A 206 19.54 1.25 10.13
N ARG A 207 19.75 2.48 10.59
CA ARG A 207 21.10 2.98 10.80
C ARG A 207 21.91 2.20 11.83
N GLU A 208 21.29 1.81 12.93
CA GLU A 208 22.01 1.07 13.95
C GLU A 208 22.34 -0.35 13.52
N LYS A 209 21.69 -0.80 12.44
CA LYS A 209 21.95 -2.14 11.91
C LYS A 209 23.20 -2.08 11.04
N ILE A 210 23.43 -0.93 10.41
CA ILE A 210 24.59 -0.73 9.56
C ILE A 210 25.86 -0.95 10.37
N THR A 211 25.74 -0.79 11.69
CA THR A 211 26.86 -0.96 12.60
C THR A 211 26.54 -2.03 13.64
N THR A 212 26.48 -3.29 13.20
CA THR A 212 26.19 -4.41 14.10
C THR A 212 27.38 -4.70 14.99
N GLN A 218 21.21 -8.42 11.46
CA GLN A 218 22.27 -8.19 10.49
C GLN A 218 21.86 -7.11 9.48
N GLN A 219 22.62 -6.98 8.39
CA GLN A 219 22.33 -5.97 7.39
C GLN A 219 20.91 -6.06 6.85
N PRO A 220 20.09 -5.05 7.16
CA PRO A 220 18.68 -5.01 6.73
C PRO A 220 18.54 -4.87 5.22
N LEU A 221 17.31 -4.79 4.78
CA LEU A 221 17.01 -4.66 3.36
C LEU A 221 15.66 -3.96 3.24
N VAL A 222 15.59 -2.96 2.35
CA VAL A 222 14.34 -2.25 2.12
C VAL A 222 13.93 -2.53 0.67
N ILE A 223 12.72 -3.07 0.51
CA ILE A 223 12.21 -3.40 -0.82
C ILE A 223 10.99 -2.56 -1.16
N VAL A 224 11.11 -1.75 -2.21
CA VAL A 224 10.02 -0.88 -2.66
C VAL A 224 9.34 -1.62 -3.81
N VAL A 225 8.01 -1.77 -3.74
CA VAL A 225 7.29 -2.51 -4.75
C VAL A 225 5.98 -1.90 -5.23
N GLY A 226 5.80 -1.84 -6.55
CA GLY A 226 4.58 -1.35 -7.15
C GLY A 226 4.09 0.05 -6.81
N THR A 227 4.98 1.03 -6.87
CA THR A 227 4.57 2.39 -6.59
C THR A 227 5.29 3.33 -7.56
N SER A 228 4.61 4.40 -7.98
CA SER A 228 5.24 5.35 -8.90
C SER A 228 5.98 6.42 -8.11
N LEU A 229 5.90 6.31 -6.79
CA LEU A 229 6.56 7.26 -5.89
C LEU A 229 6.29 8.69 -6.34
N ALA A 230 5.01 8.99 -6.55
CA ALA A 230 4.59 10.32 -7.00
C ALA A 230 3.67 10.99 -5.98
N VAL A 231 3.41 10.31 -4.88
CA VAL A 231 2.55 10.88 -3.85
C VAL A 231 3.35 11.07 -2.57
N TYR A 232 3.40 12.32 -2.10
CA TYR A 232 4.12 12.65 -0.89
C TYR A 232 3.15 12.84 0.27
N PRO A 233 3.64 12.72 1.53
CA PRO A 233 5.03 12.46 1.91
C PRO A 233 5.53 11.02 1.81
N PHE A 234 4.68 10.07 1.42
CA PHE A 234 5.12 8.69 1.31
C PHE A 234 6.33 8.55 0.39
N ALA A 235 6.30 9.28 -0.72
CA ALA A 235 7.38 9.21 -1.71
C ALA A 235 8.73 9.70 -1.19
N SER A 236 8.76 10.29 -0.01
CA SER A 236 10.03 10.78 0.55
C SER A 236 10.81 9.70 1.28
N LEU A 237 10.16 8.58 1.57
CA LEU A 237 10.81 7.50 2.30
C LEU A 237 12.04 6.89 1.63
N PRO A 238 11.94 6.53 0.35
CA PRO A 238 13.09 5.94 -0.34
C PRO A 238 14.39 6.72 -0.22
N GLU A 239 14.31 8.03 -0.45
CA GLU A 239 15.50 8.88 -0.38
C GLU A 239 16.04 9.00 1.04
N GLU A 240 15.17 8.74 2.01
CA GLU A 240 15.56 8.83 3.41
C GLU A 240 16.13 7.52 3.95
N ILE A 241 16.21 6.52 3.09
CA ILE A 241 16.78 5.24 3.49
C ILE A 241 18.29 5.47 3.60
N PRO A 242 18.92 4.93 4.65
CA PRO A 242 20.37 5.09 4.83
C PRO A 242 21.17 4.70 3.59
N ARG A 243 22.13 5.54 3.23
CA ARG A 243 22.99 5.29 2.07
C ARG A 243 23.59 3.89 2.11
N LYS A 244 23.92 3.42 3.31
CA LYS A 244 24.53 2.11 3.47
C LYS A 244 23.55 0.93 3.61
N VAL A 245 22.26 1.21 3.45
CA VAL A 245 21.26 0.15 3.52
C VAL A 245 20.82 -0.14 2.09
N LYS A 246 20.96 -1.39 1.67
CA LYS A 246 20.62 -1.79 0.31
C LYS A 246 19.15 -1.56 -0.03
N ARG A 247 18.92 -0.89 -1.15
CA ARG A 247 17.56 -0.63 -1.62
C ARG A 247 17.25 -1.49 -2.82
N VAL A 248 16.04 -2.04 -2.86
CA VAL A 248 15.61 -2.86 -3.98
C VAL A 248 14.32 -2.25 -4.48
N LEU A 249 14.14 -2.21 -5.80
CA LEU A 249 12.93 -1.68 -6.38
C LEU A 249 12.37 -2.70 -7.36
N CYS A 250 11.16 -3.17 -7.08
CA CYS A 250 10.49 -4.10 -7.96
C CYS A 250 9.31 -3.30 -8.51
N ASN A 251 9.46 -2.81 -9.73
CA ASN A 251 8.42 -1.99 -10.36
C ASN A 251 8.59 -2.12 -11.87
N LEU A 252 7.50 -1.96 -12.60
CA LEU A 252 7.58 -2.06 -14.05
C LEU A 252 8.47 -0.99 -14.66
N GLU A 253 8.61 0.12 -13.93
CA GLU A 253 9.45 1.22 -14.40
C GLU A 253 10.30 1.78 -13.27
N THR A 254 11.48 2.28 -13.61
CA THR A 254 12.37 2.86 -12.60
C THR A 254 11.76 4.23 -12.28
N VAL A 255 11.48 4.45 -11.00
CA VAL A 255 10.86 5.71 -10.59
C VAL A 255 11.44 6.32 -9.33
N GLY A 256 10.98 7.53 -9.04
CA GLY A 256 11.39 8.24 -7.85
C GLY A 256 12.89 8.40 -7.68
N ASP A 257 13.34 8.26 -6.44
CA ASP A 257 14.74 8.42 -6.11
C ASP A 257 15.63 7.40 -6.83
N PHE A 258 15.07 6.25 -7.17
CA PHE A 258 15.85 5.24 -7.87
C PHE A 258 16.20 5.74 -9.27
N LYS A 259 15.45 6.73 -9.73
CA LYS A 259 15.67 7.31 -11.05
C LYS A 259 16.42 8.64 -10.95
N ALA A 260 16.07 9.44 -9.95
CA ALA A 260 16.68 10.75 -9.76
C ALA A 260 18.07 10.69 -9.13
N ASN A 261 18.29 9.75 -8.23
CA ASN A 261 19.59 9.63 -7.56
C ASN A 261 19.96 8.19 -7.29
N LYS A 262 20.19 7.43 -8.35
CA LYS A 262 20.56 6.01 -8.23
C LYS A 262 21.78 5.81 -7.33
N ARG A 263 21.80 4.70 -6.61
CA ARG A 263 22.89 4.36 -5.71
C ARG A 263 23.55 3.06 -6.19
N PRO A 264 24.89 3.01 -6.17
CA PRO A 264 25.66 1.84 -6.60
C PRO A 264 25.08 0.48 -6.17
N THR A 265 24.57 0.40 -4.95
CA THR A 265 24.02 -0.85 -4.46
C THR A 265 22.53 -1.04 -4.78
N ASP A 266 21.90 -0.04 -5.38
CA ASP A 266 20.49 -0.16 -5.73
C ASP A 266 20.29 -1.32 -6.69
N LEU A 267 19.27 -2.14 -6.43
CA LEU A 267 18.98 -3.27 -7.28
C LEU A 267 17.60 -3.04 -7.89
N ILE A 268 17.55 -2.74 -9.19
CA ILE A 268 16.29 -2.50 -9.88
C ILE A 268 15.80 -3.77 -10.56
N VAL A 269 14.56 -4.14 -10.28
CA VAL A 269 13.96 -5.34 -10.85
C VAL A 269 12.65 -5.00 -11.56
N HIS A 270 12.69 -4.91 -12.89
CA HIS A 270 11.48 -4.63 -13.65
C HIS A 270 10.68 -5.92 -13.76
N GLN A 271 9.69 -6.09 -12.88
CA GLN A 271 8.90 -7.30 -12.88
C GLN A 271 7.56 -7.12 -12.17
N TYR A 272 6.58 -7.94 -12.53
CA TYR A 272 5.28 -7.88 -11.88
C TYR A 272 5.49 -8.33 -10.45
N SER A 273 4.81 -7.67 -9.51
CA SER A 273 4.96 -8.04 -8.11
C SER A 273 4.66 -9.52 -7.81
N ASP A 274 3.65 -10.11 -8.46
CA ASP A 274 3.33 -11.52 -8.21
C ASP A 274 4.41 -12.46 -8.74
N GLU A 275 5.00 -12.11 -9.88
CA GLU A 275 6.06 -12.94 -10.49
C GLU A 275 7.29 -12.79 -9.62
N PHE A 276 7.54 -11.57 -9.15
CA PHE A 276 8.67 -11.27 -8.26
C PHE A 276 8.56 -12.18 -7.03
N ALA A 277 7.36 -12.22 -6.45
CA ALA A 277 7.11 -13.05 -5.27
C ALA A 277 7.37 -14.52 -5.56
N GLU A 278 6.89 -14.98 -6.71
CA GLU A 278 7.07 -16.37 -7.12
C GLU A 278 8.57 -16.69 -7.21
N GLN A 279 9.31 -15.84 -7.88
CA GLN A 279 10.74 -16.04 -8.06
C GLN A 279 11.54 -15.95 -6.77
N LEU A 280 11.11 -15.08 -5.87
CA LEU A 280 11.83 -14.91 -4.61
C LEU A 280 11.62 -16.10 -3.69
N VAL A 281 10.40 -16.63 -3.65
CA VAL A 281 10.11 -17.79 -2.81
C VAL A 281 10.91 -18.99 -3.30
N GLU A 282 11.09 -19.07 -4.62
CA GLU A 282 11.83 -20.16 -5.24
C GLU A 282 13.32 -20.08 -4.90
N GLU A 283 13.87 -18.88 -4.93
CA GLU A 283 15.29 -18.67 -4.63
C GLU A 283 15.59 -18.80 -3.15
N LEU A 284 14.59 -18.52 -2.31
CA LEU A 284 14.77 -18.60 -0.86
C LEU A 284 14.54 -20.03 -0.39
N GLY A 285 13.88 -20.83 -1.23
CA GLY A 285 13.62 -22.21 -0.88
C GLY A 285 12.41 -22.42 0.02
N TRP A 286 11.50 -21.46 0.04
CA TRP A 286 10.31 -21.58 0.89
C TRP A 286 9.05 -21.96 0.10
N GLN A 287 9.24 -22.60 -1.04
CA GLN A 287 8.10 -22.99 -1.88
C GLN A 287 7.08 -23.81 -1.09
N GLU A 288 7.57 -24.71 -0.25
CA GLU A 288 6.70 -25.56 0.55
C GLU A 288 5.78 -24.76 1.48
N ASP A 289 6.38 -23.92 2.31
CA ASP A 289 5.60 -23.10 3.24
C ASP A 289 4.69 -22.15 2.49
N PHE A 290 5.20 -21.56 1.42
CA PHE A 290 4.41 -20.64 0.61
C PHE A 290 3.19 -21.34 0.05
N GLU A 291 3.41 -22.49 -0.59
CA GLU A 291 2.33 -23.28 -1.16
C GLU A 291 1.25 -23.55 -0.11
N LYS A 292 1.68 -23.76 1.13
CA LYS A 292 0.76 -24.03 2.22
C LYS A 292 -0.14 -22.83 2.48
N ILE A 293 0.47 -21.64 2.59
CA ILE A 293 -0.28 -20.42 2.83
C ILE A 293 -1.31 -20.19 1.72
N LEU A 294 -0.87 -20.34 0.47
CA LEU A 294 -1.76 -20.14 -0.67
C LEU A 294 -2.94 -21.11 -0.68
N THR A 295 -2.73 -22.33 -0.17
CA THR A 295 -3.78 -23.33 -0.14
C THR A 295 -4.57 -23.28 1.17
N ALA A 296 -4.16 -22.38 2.06
CA ALA A 296 -4.84 -22.23 3.36
C ALA A 296 -6.24 -21.65 3.16
N LYS B 1 6.63 16.56 9.75
CA LYS B 1 6.12 15.21 9.54
C LYS B 1 5.98 14.89 8.04
N GLY B 2 6.24 15.89 7.20
CA GLY B 2 6.17 15.67 5.77
C GLY B 2 5.11 16.47 5.03
N GLY B 3 4.16 17.03 5.76
CA GLY B 3 3.13 17.81 5.12
C GLY B 3 1.93 16.98 4.70
N ALA B 4 0.97 17.62 4.06
CA ALA B 4 -0.25 16.94 3.63
C ALA B 4 -0.09 16.09 2.37
N ARG B 6 -0.06 14.77 -1.07
CA ARG B 6 -0.03 15.57 -2.29
C ARG B 6 0.89 14.98 -3.36
N HIS B 7 0.94 15.64 -4.51
CA HIS B 7 1.78 15.22 -5.61
C HIS B 7 3.06 16.04 -5.67
N ARG B 8 3.02 17.25 -5.13
CA ARG B 8 4.18 18.13 -5.12
C ARG B 8 5.35 17.40 -4.46
#